data_5DZ3
#
_entry.id   5DZ3
#
_cell.length_a   53.986
_cell.length_b   80.804
_cell.length_c   58.073
_cell.angle_alpha   90.000
_cell.angle_beta   109.960
_cell.angle_gamma   90.000
#
_symmetry.space_group_name_H-M   'P 1 21 1'
#
loop_
_entity.id
_entity.type
_entity.pdbx_description
1 polymer 'Estrogen receptor'
2 polymer 'Nuclear receptor coactivator 2'
3 non-polymer "4,4'-{[4-(fluoromethyl)cyclohexylidene]methanediyl}diphenol"
4 water water
#
loop_
_entity_poly.entity_id
_entity_poly.type
_entity_poly.pdbx_seq_one_letter_code
_entity_poly.pdbx_strand_id
1 'polypeptide(L)'
;IKRSKKNSLALSLTADQMVSALLDAEPPILYSEYDPTRPFSEASMMGLLTNLADRELVHMINWAKRVPGFVDLTLHDQVH
LLECAWLEILMIGLVWRSMEHPGKLLFAPNLLLDRNQGKCVEGMVEIFDMLLATSSRFRMMNLQGEEFVCLKSIILLNSG
VYTFLSSTLKSLEEKDHIHRVLDKITDTLIHLMAKAGLTLQQQHQRLAQLLLILSHIRHMSNKGMEHLYSMKCKNVVPLS
DLLLEMLDAHRLHAPTS
;
A,B
2 'polypeptide(L)' KHKILHRLLQDSSS C,D
#
loop_
_chem_comp.id
_chem_comp.type
_chem_comp.name
_chem_comp.formula
5JX non-polymer 4,4'-{[4-(fluoromethyl)cyclohexylidene]methanediyl}diphenol 'C20 H21 F O2'
#
# COMPACT_ATOMS: atom_id res chain seq x y z
N SER A 8 -22.56 16.09 7.99
CA SER A 8 -21.59 15.36 8.80
C SER A 8 -20.90 16.28 9.79
N LEU A 9 -20.92 15.92 11.06
CA LEU A 9 -20.33 16.72 12.12
C LEU A 9 -18.80 16.73 12.03
N ALA A 10 -18.26 15.70 11.38
CA ALA A 10 -16.81 15.54 11.25
C ALA A 10 -16.15 16.74 10.59
N LEU A 11 -16.88 17.39 9.69
CA LEU A 11 -16.35 18.51 8.93
C LEU A 11 -16.41 19.82 9.74
N SER A 12 -17.33 19.88 10.68
CA SER A 12 -17.49 21.08 11.51
C SER A 12 -16.50 21.09 12.67
N LEU A 13 -15.86 19.95 12.92
CA LEU A 13 -14.89 19.83 14.01
C LEU A 13 -13.66 20.70 13.73
N THR A 14 -13.10 21.29 14.78
CA THR A 14 -11.81 21.93 14.67
C THR A 14 -10.74 20.86 14.66
N ALA A 15 -9.49 21.26 14.41
CA ALA A 15 -8.40 20.29 14.37
C ALA A 15 -8.18 19.65 15.73
N ASP A 16 -8.21 20.46 16.78
CA ASP A 16 -8.06 19.97 18.14
C ASP A 16 -9.20 19.06 18.55
N GLN A 17 -10.41 19.38 18.08
CA GLN A 17 -11.58 18.56 18.36
C GLN A 17 -11.46 17.21 17.65
N MET A 18 -10.93 17.24 16.44
CA MET A 18 -10.70 16.02 15.67
C MET A 18 -9.68 15.12 16.35
N VAL A 19 -8.59 15.72 16.83
CA VAL A 19 -7.53 14.99 17.51
C VAL A 19 -8.03 14.33 18.79
N SER A 20 -8.70 15.11 19.64
CA SER A 20 -9.17 14.61 20.92
C SER A 20 -10.26 13.56 20.74
N ALA A 21 -11.05 13.70 19.68
CA ALA A 21 -12.08 12.70 19.37
C ALA A 21 -11.43 11.37 19.03
N LEU A 22 -10.36 11.42 18.24
CA LEU A 22 -9.61 10.23 17.88
C LEU A 22 -8.88 9.66 19.09
N LEU A 23 -8.37 10.55 19.94
CA LEU A 23 -7.71 10.14 21.18
C LEU A 23 -8.70 9.48 22.14
N ASP A 24 -9.91 10.02 22.18
CA ASP A 24 -10.95 9.50 23.06
C ASP A 24 -11.51 8.18 22.55
N ALA A 25 -11.37 7.94 21.25
CA ALA A 25 -11.90 6.74 20.62
C ALA A 25 -10.90 5.58 20.71
N GLU A 26 -9.68 5.89 21.12
CA GLU A 26 -8.59 4.91 21.16
C GLU A 26 -8.95 3.66 21.96
N PRO A 27 -8.77 2.48 21.34
CA PRO A 27 -8.93 1.21 22.03
C PRO A 27 -7.79 0.99 23.02
N PRO A 28 -8.01 0.15 24.04
CA PRO A 28 -6.96 -0.11 25.03
C PRO A 28 -5.93 -1.13 24.56
N ILE A 29 -4.75 -1.09 25.16
CA ILE A 29 -3.74 -2.11 24.94
C ILE A 29 -4.13 -3.37 25.72
N LEU A 30 -4.44 -4.44 24.99
CA LEU A 30 -4.91 -5.67 25.61
C LEU A 30 -3.76 -6.60 25.97
N TYR A 31 -4.04 -7.54 26.86
CA TYR A 31 -3.05 -8.53 27.26
C TYR A 31 -3.35 -9.89 26.63
N SER A 32 -2.31 -10.70 26.47
CA SER A 32 -2.48 -12.09 26.06
C SER A 32 -2.67 -12.93 27.31
N GLU A 33 -2.82 -14.24 27.14
CA GLU A 33 -2.90 -15.12 28.28
C GLU A 33 -1.50 -15.32 28.86
N TYR A 34 -1.44 -15.87 30.07
CA TYR A 34 -0.17 -16.00 30.79
C TYR A 34 0.26 -17.46 30.93
N THR A 37 4.87 -18.74 29.03
CA THR A 37 5.65 -19.51 28.06
C THR A 37 5.82 -18.74 26.76
N ARG A 38 7.07 -18.62 26.30
CA ARG A 38 7.36 -17.92 25.05
C ARG A 38 7.06 -18.80 23.85
N PRO A 39 6.22 -18.30 22.93
CA PRO A 39 5.77 -19.04 21.74
C PRO A 39 6.88 -19.37 20.75
N PHE A 40 6.88 -20.61 20.26
CA PHE A 40 7.82 -21.02 19.21
C PHE A 40 7.09 -21.90 18.20
N SER A 41 6.25 -22.80 18.70
CA SER A 41 5.46 -23.70 17.87
C SER A 41 4.51 -22.92 16.96
N GLU A 42 4.09 -23.55 15.87
CA GLU A 42 3.16 -22.91 14.93
C GLU A 42 1.76 -22.81 15.52
N ALA A 43 1.46 -23.69 16.47
CA ALA A 43 0.13 -23.75 17.08
C ALA A 43 -0.04 -22.69 18.17
N SER A 44 0.83 -22.74 19.18
CA SER A 44 0.73 -21.84 20.33
C SER A 44 0.95 -20.39 19.94
N MET A 45 1.87 -20.16 19.00
CA MET A 45 2.14 -18.81 18.50
C MET A 45 0.90 -18.21 17.85
N MET A 46 0.34 -18.93 16.88
CA MET A 46 -0.84 -18.46 16.17
C MET A 46 -2.08 -18.58 17.05
N GLY A 47 -2.01 -19.42 18.06
CA GLY A 47 -3.11 -19.57 19.00
C GLY A 47 -3.26 -18.34 19.88
N LEU A 48 -2.13 -17.84 20.37
CA LEU A 48 -2.13 -16.65 21.21
C LEU A 48 -2.45 -15.40 20.40
N LEU A 49 -1.91 -15.32 19.18
CA LEU A 49 -2.12 -14.17 18.32
C LEU A 49 -3.58 -14.09 17.87
N THR A 50 -4.20 -15.24 17.59
CA THR A 50 -5.58 -15.29 17.18
C THR A 50 -6.52 -14.84 18.29
N ASN A 51 -6.30 -15.36 19.50
CA ASN A 51 -7.10 -14.99 20.66
C ASN A 51 -7.00 -13.50 20.96
N LEU A 52 -5.79 -12.95 20.87
CA LEU A 52 -5.56 -11.54 21.09
C LEU A 52 -6.25 -10.69 20.03
N ALA A 53 -6.04 -11.05 18.77
CA ALA A 53 -6.59 -10.31 17.64
C ALA A 53 -8.12 -10.31 17.67
N ASP A 54 -8.71 -11.44 18.05
CA ASP A 54 -10.15 -11.57 18.12
C ASP A 54 -10.75 -10.60 19.15
N ARG A 55 -10.07 -10.45 20.28
CA ARG A 55 -10.51 -9.53 21.31
C ARG A 55 -10.24 -8.08 20.90
N GLU A 56 -9.15 -7.87 20.17
CA GLU A 56 -8.82 -6.55 19.65
C GLU A 56 -9.83 -6.09 18.61
N LEU A 57 -10.41 -7.03 17.88
CA LEU A 57 -11.37 -6.71 16.82
C LEU A 57 -12.63 -6.07 17.38
N VAL A 58 -13.08 -6.56 18.53
CA VAL A 58 -14.27 -6.02 19.18
C VAL A 58 -14.07 -4.56 19.55
N HIS A 59 -12.88 -4.24 20.05
CA HIS A 59 -12.54 -2.86 20.39
C HIS A 59 -12.38 -2.01 19.13
N MET A 60 -11.82 -2.59 18.09
CA MET A 60 -11.63 -1.88 16.83
C MET A 60 -12.96 -1.42 16.22
N ILE A 61 -13.95 -2.30 16.30
CA ILE A 61 -15.27 -2.02 15.75
C ILE A 61 -15.91 -0.84 16.48
N ASN A 62 -15.84 -0.87 17.80
CA ASN A 62 -16.39 0.24 18.59
CA ASN A 62 -16.36 0.23 18.63
C ASN A 62 -15.54 1.50 18.45
N TRP A 63 -14.26 1.32 18.11
CA TRP A 63 -13.39 2.45 17.84
C TRP A 63 -13.77 3.10 16.51
N ALA A 64 -14.06 2.28 15.52
CA ALA A 64 -14.40 2.75 14.18
C ALA A 64 -15.66 3.61 14.20
N LYS A 65 -16.63 3.22 15.03
CA LYS A 65 -17.89 3.95 15.12
C LYS A 65 -17.72 5.32 15.78
N ARG A 66 -16.59 5.52 16.45
CA ARG A 66 -16.33 6.78 17.12
C ARG A 66 -15.39 7.66 16.30
N VAL A 67 -14.91 7.12 15.19
CA VAL A 67 -14.14 7.89 14.24
C VAL A 67 -15.07 8.81 13.46
N PRO A 68 -14.84 10.13 13.53
CA PRO A 68 -15.68 11.14 12.88
C PRO A 68 -15.88 10.87 11.38
N GLY A 69 -17.14 10.81 10.95
CA GLY A 69 -17.46 10.61 9.55
C GLY A 69 -17.79 9.17 9.21
N PHE A 70 -17.28 8.24 10.01
CA PHE A 70 -17.46 6.81 9.75
C PHE A 70 -18.92 6.39 9.92
N VAL A 71 -19.55 6.88 10.99
CA VAL A 71 -20.92 6.52 11.30
C VAL A 71 -21.88 7.08 10.25
N ASP A 72 -21.50 8.20 9.64
CA ASP A 72 -22.32 8.85 8.61
C ASP A 72 -22.47 7.98 7.37
N LEU A 73 -21.56 7.02 7.20
CA LEU A 73 -21.63 6.09 6.07
C LEU A 73 -22.73 5.06 6.28
N THR A 74 -23.17 4.44 5.20
CA THR A 74 -24.13 3.34 5.29
C THR A 74 -23.47 2.16 6.00
N LEU A 75 -24.29 1.27 6.55
CA LEU A 75 -23.79 0.12 7.29
C LEU A 75 -22.95 -0.79 6.41
N HIS A 76 -23.37 -0.97 5.16
CA HIS A 76 -22.66 -1.82 4.22
C HIS A 76 -21.29 -1.24 3.87
N ASP A 77 -21.20 0.09 3.84
CA ASP A 77 -19.93 0.76 3.58
C ASP A 77 -19.00 0.64 4.78
N GLN A 78 -19.59 0.73 5.98
CA GLN A 78 -18.83 0.54 7.20
C GLN A 78 -18.26 -0.87 7.25
N VAL A 79 -19.08 -1.84 6.85
CA VAL A 79 -18.66 -3.24 6.79
C VAL A 79 -17.52 -3.42 5.80
N HIS A 80 -17.67 -2.84 4.62
CA HIS A 80 -16.66 -2.97 3.57
C HIS A 80 -15.31 -2.39 4.01
N LEU A 81 -15.33 -1.21 4.60
CA LEU A 81 -14.10 -0.54 5.02
C LEU A 81 -13.38 -1.31 6.14
N LEU A 82 -14.15 -1.87 7.06
CA LEU A 82 -13.59 -2.62 8.17
C LEU A 82 -13.01 -3.96 7.70
N GLU A 83 -13.73 -4.62 6.79
CA GLU A 83 -13.25 -5.89 6.23
C GLU A 83 -11.95 -5.68 5.47
N CYS A 84 -11.83 -4.55 4.78
CA CYS A 84 -10.65 -4.25 3.99
C CYS A 84 -9.43 -3.93 4.83
N ALA A 85 -9.63 -3.26 5.95
CA ALA A 85 -8.53 -2.62 6.67
C ALA A 85 -8.19 -3.22 8.02
N TRP A 86 -8.95 -4.23 8.47
CA TRP A 86 -8.83 -4.72 9.84
C TRP A 86 -7.42 -5.18 10.19
N LEU A 87 -6.75 -5.86 9.28
CA LEU A 87 -5.40 -6.33 9.55
C LEU A 87 -4.40 -5.18 9.48
N GLU A 88 -4.65 -4.22 8.58
CA GLU A 88 -3.83 -3.02 8.51
C GLU A 88 -3.88 -2.26 9.83
N ILE A 89 -5.08 -2.13 10.37
CA ILE A 89 -5.31 -1.42 11.62
C ILE A 89 -4.65 -2.13 12.80
N LEU A 90 -4.78 -3.46 12.82
CA LEU A 90 -4.13 -4.27 13.84
C LEU A 90 -2.61 -4.12 13.79
N MET A 91 -2.08 -4.07 12.57
CA MET A 91 -0.63 -4.02 12.38
C MET A 91 -0.01 -2.68 12.71
N ILE A 92 -0.68 -1.58 12.35
CA ILE A 92 -0.15 -0.26 12.65
C ILE A 92 -0.22 -0.01 14.15
N GLY A 93 -1.16 -0.67 14.81
CA GLY A 93 -1.24 -0.63 16.27
C GLY A 93 -0.08 -1.39 16.85
N LEU A 94 0.26 -2.52 16.20
CA LEU A 94 1.36 -3.37 16.65
C LEU A 94 2.72 -2.65 16.57
N VAL A 95 2.99 -2.04 15.42
CA VAL A 95 4.27 -1.37 15.21
C VAL A 95 4.38 -0.11 16.06
N TRP A 96 3.23 0.47 16.41
CA TRP A 96 3.20 1.62 17.30
C TRP A 96 3.59 1.22 18.72
N ARG A 97 2.98 0.14 19.21
CA ARG A 97 3.27 -0.37 20.54
C ARG A 97 4.71 -0.85 20.64
N SER A 98 5.27 -1.26 19.51
CA SER A 98 6.60 -1.87 19.49
C SER A 98 7.71 -0.85 19.29
N MET A 99 7.35 0.43 19.24
CA MET A 99 8.31 1.50 18.96
C MET A 99 9.43 1.57 19.98
N GLU A 100 9.08 1.50 21.26
CA GLU A 100 10.05 1.64 22.34
C GLU A 100 10.83 0.34 22.59
N HIS A 101 10.56 -0.68 21.78
CA HIS A 101 11.23 -1.97 21.91
C HIS A 101 11.86 -2.42 20.61
N PRO A 102 13.05 -1.89 20.29
CA PRO A 102 13.77 -2.21 19.05
C PRO A 102 14.08 -3.69 18.92
N GLY A 103 13.74 -4.27 17.78
CA GLY A 103 14.00 -5.68 17.53
C GLY A 103 12.92 -6.59 18.09
N LYS A 104 11.92 -6.00 18.74
CA LYS A 104 10.83 -6.78 19.32
C LYS A 104 9.47 -6.27 18.87
N LEU A 105 8.51 -7.18 18.81
CA LEU A 105 7.13 -6.83 18.50
C LEU A 105 6.26 -6.97 19.74
N LEU A 106 5.72 -5.86 20.21
CA LEU A 106 4.87 -5.86 21.41
C LEU A 106 3.42 -6.13 21.03
N PHE A 107 3.09 -7.40 20.81
CA PHE A 107 1.71 -7.78 20.55
C PHE A 107 0.87 -7.46 21.78
N ALA A 108 1.46 -7.73 22.95
CA ALA A 108 0.84 -7.42 24.23
C ALA A 108 1.96 -7.15 25.23
N PRO A 109 1.66 -6.40 26.31
CA PRO A 109 2.67 -6.12 27.34
C PRO A 109 3.26 -7.39 27.94
N ASN A 110 2.48 -8.47 27.94
CA ASN A 110 2.97 -9.76 28.43
C ASN A 110 3.25 -10.71 27.28
N LEU A 111 3.47 -10.16 26.09
CA LEU A 111 3.77 -10.97 24.91
C LEU A 111 4.70 -10.23 23.95
N LEU A 112 5.99 -10.22 24.28
CA LEU A 112 7.00 -9.62 23.42
C LEU A 112 7.69 -10.69 22.58
N LEU A 113 7.58 -10.55 21.26
CA LEU A 113 8.17 -11.52 20.34
C LEU A 113 9.29 -10.91 19.52
N ASP A 114 10.36 -11.69 19.32
CA ASP A 114 11.43 -11.28 18.42
C ASP A 114 11.38 -12.12 17.14
N ARG A 115 12.29 -11.84 16.21
CA ARG A 115 12.29 -12.53 14.93
C ARG A 115 12.72 -13.99 15.08
N ASN A 116 13.38 -14.31 16.19
CA ASN A 116 13.82 -15.68 16.45
C ASN A 116 12.65 -16.63 16.66
N GLN A 117 11.52 -16.08 17.10
CA GLN A 117 10.32 -16.89 17.32
C GLN A 117 9.49 -16.98 16.05
N GLY A 118 9.77 -16.09 15.10
CA GLY A 118 9.13 -16.13 13.80
C GLY A 118 9.82 -17.13 12.89
N LYS A 119 11.01 -17.54 13.30
CA LYS A 119 11.81 -18.51 12.53
C LYS A 119 11.14 -19.87 12.47
N CYS A 120 10.51 -20.27 13.56
CA CYS A 120 9.96 -21.62 13.69
C CYS A 120 8.58 -21.75 13.04
N VAL A 121 8.15 -20.72 12.32
CA VAL A 121 6.91 -20.78 11.57
C VAL A 121 7.14 -20.38 10.12
N GLU A 122 6.65 -21.21 9.20
CA GLU A 122 6.88 -21.01 7.77
C GLU A 122 6.32 -19.69 7.26
N GLY A 123 7.20 -18.89 6.65
CA GLY A 123 6.80 -17.65 6.02
C GLY A 123 6.43 -16.54 7.01
N MET A 124 6.80 -16.74 8.27
CA MET A 124 6.46 -15.78 9.32
C MET A 124 7.54 -14.72 9.51
N VAL A 125 8.79 -15.16 9.55
CA VAL A 125 9.92 -14.28 9.88
C VAL A 125 10.08 -13.15 8.86
N GLU A 126 9.60 -13.35 7.64
CA GLU A 126 9.65 -12.31 6.62
C GLU A 126 8.72 -11.17 6.99
N ILE A 127 7.52 -11.50 7.45
CA ILE A 127 6.56 -10.51 7.86
C ILE A 127 6.99 -9.85 9.16
N PHE A 128 7.60 -10.64 10.04
CA PHE A 128 8.14 -10.13 11.29
C PHE A 128 9.17 -9.03 11.05
N ASP A 129 10.09 -9.28 10.12
CA ASP A 129 11.12 -8.31 9.78
C ASP A 129 10.53 -7.04 9.17
N MET A 130 9.48 -7.20 8.39
CA MET A 130 8.79 -6.06 7.79
C MET A 130 8.13 -5.21 8.85
N LEU A 131 7.53 -5.85 9.84
CA LEU A 131 6.90 -5.15 10.94
C LEU A 131 7.94 -4.44 11.80
N LEU A 132 9.08 -5.11 12.03
CA LEU A 132 10.16 -4.54 12.82
C LEU A 132 10.78 -3.32 12.14
N ALA A 133 10.89 -3.38 10.82
CA ALA A 133 11.46 -2.28 10.04
C ALA A 133 10.53 -1.07 10.04
N THR A 134 9.23 -1.33 10.02
CA THR A 134 8.24 -0.26 10.05
C THR A 134 8.21 0.41 11.42
N SER A 135 8.34 -0.40 12.46
CA SER A 135 8.38 0.11 13.83
C SER A 135 9.62 0.95 14.05
N SER A 136 10.74 0.48 13.50
CA SER A 136 12.01 1.21 13.61
C SER A 136 11.92 2.54 12.87
N ARG A 137 11.20 2.55 11.75
CA ARG A 137 11.03 3.76 10.96
C ARG A 137 10.18 4.78 11.72
N PHE A 138 9.12 4.30 12.36
CA PHE A 138 8.27 5.16 13.18
C PHE A 138 9.05 5.77 14.34
N ARG A 139 9.99 5.00 14.89
CA ARG A 139 10.79 5.47 16.01
C ARG A 139 11.77 6.56 15.56
N MET A 140 12.41 6.34 14.42
CA MET A 140 13.36 7.30 13.88
C MET A 140 12.67 8.61 13.47
N MET A 141 11.40 8.52 13.13
CA MET A 141 10.62 9.71 12.75
C MET A 141 10.03 10.40 13.97
N ASN A 142 10.20 9.80 15.14
CA ASN A 142 9.60 10.28 16.38
C ASN A 142 8.10 10.48 16.23
N LEU A 143 7.43 9.46 15.71
CA LEU A 143 5.99 9.48 15.53
C LEU A 143 5.26 9.76 16.84
N GLN A 144 4.35 10.72 16.81
CA GLN A 144 3.58 11.09 18.00
C GLN A 144 2.24 10.37 18.01
N GLY A 145 1.69 10.18 19.21
CA GLY A 145 0.41 9.51 19.36
C GLY A 145 -0.71 10.20 18.62
N GLU A 146 -0.66 11.54 18.58
CA GLU A 146 -1.65 12.32 17.86
C GLU A 146 -1.56 12.07 16.36
N GLU A 147 -0.34 11.87 15.87
CA GLU A 147 -0.13 11.54 14.46
C GLU A 147 -0.58 10.12 14.17
N PHE A 148 -0.30 9.22 15.09
CA PHE A 148 -0.64 7.81 14.95
C PHE A 148 -2.13 7.57 14.76
N VAL A 149 -2.94 8.22 15.59
CA VAL A 149 -4.40 8.04 15.52
C VAL A 149 -4.96 8.64 14.24
N CYS A 150 -4.28 9.64 13.69
CA CYS A 150 -4.67 10.22 12.41
C CYS A 150 -4.39 9.22 11.28
N LEU A 151 -3.22 8.60 11.34
CA LEU A 151 -2.82 7.63 10.32
C LEU A 151 -3.73 6.39 10.35
N LYS A 152 -4.09 5.95 11.54
CA LYS A 152 -4.93 4.76 11.68
C LYS A 152 -6.33 5.02 11.14
N SER A 153 -6.83 6.24 11.35
CA SER A 153 -8.13 6.63 10.83
C SER A 153 -8.11 6.76 9.31
N ILE A 154 -6.98 7.22 8.78
CA ILE A 154 -6.79 7.32 7.33
C ILE A 154 -6.89 5.93 6.70
N ILE A 155 -6.22 4.96 7.32
CA ILE A 155 -6.24 3.58 6.84
C ILE A 155 -7.66 3.04 6.77
N LEU A 156 -8.44 3.27 7.83
CA LEU A 156 -9.82 2.82 7.89
C LEU A 156 -10.67 3.33 6.75
N LEU A 157 -10.52 4.63 6.44
CA LEU A 157 -11.36 5.28 5.45
C LEU A 157 -10.85 5.14 4.02
N ASN A 158 -9.55 4.92 3.86
CA ASN A 158 -8.95 4.92 2.53
C ASN A 158 -8.77 3.54 1.93
N SER A 159 -8.62 2.55 2.78
CA SER A 159 -8.18 1.26 2.33
C SER A 159 -9.19 0.56 1.45
N GLY A 160 -10.45 0.75 1.73
CA GLY A 160 -11.49 0.25 0.87
C GLY A 160 -12.22 1.29 0.03
N VAL A 161 -11.71 2.50 -0.03
CA VAL A 161 -12.47 3.63 -0.55
C VAL A 161 -12.80 3.63 -2.04
N TYR A 162 -12.38 2.57 -2.72
CA TYR A 162 -12.72 2.29 -4.11
C TYR A 162 -13.51 1.00 -4.25
N LYS A 175 -15.90 7.91 -3.27
CA LYS A 175 -17.08 8.60 -2.78
C LYS A 175 -16.72 9.97 -2.19
N ASP A 176 -17.63 10.93 -2.34
CA ASP A 176 -17.34 12.33 -1.99
C ASP A 176 -17.19 12.56 -0.49
N HIS A 177 -18.04 11.93 0.33
CA HIS A 177 -18.00 12.11 1.78
C HIS A 177 -16.65 11.69 2.37
N ILE A 178 -16.24 10.46 2.08
CA ILE A 178 -14.98 9.94 2.58
C ILE A 178 -13.81 10.80 2.11
N HIS A 179 -13.93 11.31 0.89
CA HIS A 179 -12.91 12.17 0.31
C HIS A 179 -12.65 13.41 1.17
N ARG A 180 -13.72 14.10 1.57
CA ARG A 180 -13.58 15.32 2.37
C ARG A 180 -13.11 15.01 3.78
N VAL A 181 -13.53 13.87 4.32
CA VAL A 181 -13.09 13.46 5.65
C VAL A 181 -11.59 13.16 5.63
N LEU A 182 -11.13 12.52 4.55
CA LEU A 182 -9.72 12.23 4.38
C LEU A 182 -8.91 13.52 4.26
N ASP A 183 -9.46 14.50 3.54
CA ASP A 183 -8.84 15.82 3.45
C ASP A 183 -8.82 16.49 4.81
N LYS A 184 -9.88 16.26 5.58
CA LYS A 184 -10.00 16.82 6.92
C LYS A 184 -8.90 16.29 7.84
N ILE A 185 -8.65 14.98 7.75
CA ILE A 185 -7.62 14.34 8.56
C ILE A 185 -6.23 14.80 8.12
N THR A 186 -6.08 15.04 6.81
CA THR A 186 -4.83 15.57 6.29
C THR A 186 -4.55 16.94 6.90
N ASP A 187 -5.56 17.79 6.94
CA ASP A 187 -5.46 19.11 7.55
C ASP A 187 -5.12 18.97 9.04
N THR A 188 -5.64 17.92 9.66
CA THR A 188 -5.41 17.65 11.08
C THR A 188 -3.95 17.25 11.33
N LEU A 189 -3.41 16.43 10.45
CA LEU A 189 -2.00 16.04 10.52
C LEU A 189 -1.09 17.26 10.40
N ILE A 190 -1.34 18.08 9.40
CA ILE A 190 -0.60 19.32 9.18
C ILE A 190 -0.69 20.23 10.38
N HIS A 191 -1.90 20.34 10.94
CA HIS A 191 -2.12 21.13 12.15
C HIS A 191 -1.21 20.69 13.29
N LEU A 192 -1.09 19.37 13.47
CA LEU A 192 -0.26 18.81 14.52
C LEU A 192 1.23 19.12 14.30
N MET A 193 1.66 19.05 13.05
CA MET A 193 3.06 19.32 12.72
C MET A 193 3.39 20.80 12.89
N ALA A 194 2.46 21.66 12.48
CA ALA A 194 2.62 23.09 12.65
C ALA A 194 2.60 23.44 14.13
N LYS A 195 1.80 22.70 14.89
CA LYS A 195 1.70 22.87 16.33
C LYS A 195 2.99 22.46 17.02
N ALA A 196 3.69 21.50 16.40
CA ALA A 196 4.94 20.98 16.94
C ALA A 196 6.12 21.89 16.60
N GLY A 197 5.86 22.91 15.79
CA GLY A 197 6.87 23.91 15.46
C GLY A 197 7.61 23.65 14.17
N LEU A 198 7.13 22.71 13.37
CA LEU A 198 7.76 22.40 12.09
C LEU A 198 7.47 23.48 11.05
N THR A 199 8.43 23.69 10.14
CA THR A 199 8.24 24.64 9.05
C THR A 199 7.36 24.01 7.97
N LEU A 200 6.87 24.84 7.06
CA LEU A 200 6.03 24.37 5.97
C LEU A 200 6.72 23.29 5.15
N GLN A 201 8.02 23.48 4.92
CA GLN A 201 8.82 22.51 4.19
C GLN A 201 8.90 21.19 4.94
N GLN A 202 9.14 21.27 6.24
CA GLN A 202 9.23 20.08 7.09
C GLN A 202 7.88 19.38 7.22
N GLN A 203 6.80 20.16 7.15
CA GLN A 203 5.46 19.63 7.27
C GLN A 203 5.09 18.72 6.09
N HIS A 204 5.27 19.21 4.87
CA HIS A 204 4.88 18.43 3.70
C HIS A 204 5.84 17.29 3.44
N GLN A 205 7.09 17.44 3.90
CA GLN A 205 8.05 16.35 3.80
C GLN A 205 7.72 15.23 4.78
N ARG A 206 7.36 15.61 6.01
CA ARG A 206 6.99 14.63 7.03
C ARG A 206 5.67 13.94 6.68
N LEU A 207 4.74 14.72 6.13
CA LEU A 207 3.45 14.18 5.70
C LEU A 207 3.65 13.10 4.64
N ALA A 208 4.53 13.38 3.69
CA ALA A 208 4.83 12.42 2.62
C ALA A 208 5.44 11.14 3.18
N GLN A 209 6.41 11.28 4.08
CA GLN A 209 7.08 10.14 4.68
C GLN A 209 6.10 9.24 5.44
N LEU A 210 5.19 9.85 6.18
CA LEU A 210 4.20 9.10 6.95
C LEU A 210 3.25 8.33 6.05
N LEU A 211 2.78 8.97 4.98
CA LEU A 211 1.80 8.37 4.09
C LEU A 211 2.42 7.29 3.22
N LEU A 212 3.71 7.40 2.93
CA LEU A 212 4.42 6.39 2.16
C LEU A 212 4.56 5.09 2.94
N ILE A 213 4.61 5.22 4.27
CA ILE A 213 4.67 4.06 5.15
C ILE A 213 3.36 3.28 5.10
N LEU A 214 2.27 3.98 4.83
CA LEU A 214 0.95 3.36 4.71
C LEU A 214 0.90 2.37 3.57
N SER A 215 1.76 2.56 2.57
CA SER A 215 1.86 1.62 1.46
C SER A 215 2.50 0.32 1.93
N HIS A 216 3.48 0.44 2.81
CA HIS A 216 4.15 -0.74 3.37
C HIS A 216 3.23 -1.49 4.32
N ILE A 217 2.41 -0.75 5.04
CA ILE A 217 1.43 -1.34 5.95
C ILE A 217 0.42 -2.18 5.16
N ARG A 218 0.01 -1.66 4.01
CA ARG A 218 -0.89 -2.38 3.12
C ARG A 218 -0.26 -3.68 2.64
N HIS A 219 1.02 -3.61 2.28
CA HIS A 219 1.75 -4.77 1.78
C HIS A 219 1.86 -5.86 2.86
N MET A 220 2.18 -5.45 4.08
CA MET A 220 2.31 -6.39 5.19
C MET A 220 0.97 -7.05 5.52
N SER A 221 -0.11 -6.29 5.38
CA SER A 221 -1.46 -6.80 5.62
C SER A 221 -1.81 -7.90 4.62
N ASN A 222 -1.53 -7.66 3.35
CA ASN A 222 -1.80 -8.64 2.30
C ASN A 222 -0.96 -9.89 2.48
N LYS A 223 0.29 -9.71 2.92
CA LYS A 223 1.17 -10.83 3.20
C LYS A 223 0.70 -11.59 4.43
N GLY A 224 0.25 -10.84 5.44
CA GLY A 224 -0.28 -11.44 6.65
C GLY A 224 -1.57 -12.18 6.38
N MET A 225 -2.35 -11.66 5.44
CA MET A 225 -3.63 -12.28 5.08
C MET A 225 -3.41 -13.63 4.43
N GLU A 226 -2.38 -13.73 3.59
CA GLU A 226 -2.00 -15.00 2.99
C GLU A 226 -1.60 -15.98 4.07
N HIS A 227 -0.84 -15.48 5.04
CA HIS A 227 -0.35 -16.29 6.15
C HIS A 227 -1.50 -16.82 6.99
N LEU A 228 -2.52 -16.01 7.20
CA LEU A 228 -3.69 -16.40 7.97
C LEU A 228 -4.54 -17.40 7.19
N TYR A 229 -4.65 -17.17 5.88
CA TYR A 229 -5.39 -18.07 5.01
C TYR A 229 -4.73 -19.45 4.98
N SER A 230 -3.40 -19.46 5.06
CA SER A 230 -2.65 -20.71 5.11
C SER A 230 -2.91 -21.44 6.43
N MET A 231 -2.98 -20.69 7.52
CA MET A 231 -3.25 -21.25 8.82
C MET A 231 -4.66 -21.83 8.90
N LYS A 232 -5.60 -21.13 8.27
CA LYS A 232 -6.99 -21.57 8.24
C LYS A 232 -7.13 -22.88 7.46
N CYS A 233 -6.40 -22.96 6.35
CA CYS A 233 -6.45 -24.15 5.49
C CYS A 233 -5.89 -25.38 6.21
N LYS A 234 -4.83 -25.17 6.99
CA LYS A 234 -4.25 -26.24 7.79
C LYS A 234 -5.25 -26.78 8.81
N ASN A 235 -6.01 -25.86 9.43
CA ASN A 235 -7.00 -26.19 10.44
C ASN A 235 -6.39 -26.94 11.62
N VAL A 236 -5.67 -26.20 12.47
CA VAL A 236 -5.19 -26.70 13.75
C VAL A 236 -5.53 -25.66 14.82
N VAL A 237 -5.25 -24.40 14.50
CA VAL A 237 -5.61 -23.29 15.37
C VAL A 237 -7.04 -22.84 15.09
N PRO A 238 -7.92 -22.97 16.11
CA PRO A 238 -9.33 -22.58 15.97
C PRO A 238 -9.51 -21.08 15.76
N LEU A 239 -10.12 -20.72 14.63
CA LEU A 239 -10.45 -19.33 14.36
C LEU A 239 -11.85 -19.00 14.88
N SER A 240 -12.01 -17.79 15.41
CA SER A 240 -13.33 -17.33 15.80
C SER A 240 -14.16 -17.10 14.55
N ASP A 241 -15.49 -17.14 14.70
CA ASP A 241 -16.38 -16.94 13.57
C ASP A 241 -16.22 -15.52 13.01
N LEU A 242 -15.96 -14.56 13.90
CA LEU A 242 -15.72 -13.18 13.48
C LEU A 242 -14.47 -13.09 12.62
N LEU A 243 -13.38 -13.66 13.11
CA LEU A 243 -12.11 -13.64 12.38
C LEU A 243 -12.22 -14.37 11.03
N LEU A 244 -13.06 -15.39 10.99
CA LEU A 244 -13.35 -16.10 9.78
C LEU A 244 -13.99 -15.24 8.73
N GLU A 245 -15.05 -14.57 9.08
CA GLU A 245 -15.70 -13.63 8.20
C GLU A 245 -14.79 -12.52 7.74
N MET A 246 -13.94 -12.01 8.60
CA MET A 246 -13.05 -10.93 8.25
C MET A 246 -12.02 -11.45 7.27
N LEU A 247 -11.56 -12.66 7.49
CA LEU A 247 -10.62 -13.33 6.63
C LEU A 247 -11.22 -13.71 5.30
N ASP A 248 -12.37 -14.33 5.31
CA ASP A 248 -13.03 -14.78 4.08
C ASP A 248 -13.39 -13.61 3.17
N ALA A 249 -13.48 -12.41 3.76
CA ALA A 249 -13.80 -11.21 2.99
C ALA A 249 -12.69 -10.88 2.01
N HIS A 250 -11.48 -11.34 2.31
CA HIS A 250 -10.34 -11.11 1.42
C HIS A 250 -10.13 -12.27 0.46
N ARG A 251 -10.90 -13.34 0.65
CA ARG A 251 -10.79 -14.51 -0.22
C ARG A 251 -11.38 -14.23 -1.59
N LEU A 252 -10.50 -13.98 -2.57
CA LEU A 252 -10.93 -13.69 -3.93
C LEU A 252 -9.86 -14.08 -4.94
N SER B 8 26.24 12.51 -5.71
CA SER B 8 25.17 12.18 -6.63
C SER B 8 24.56 13.44 -7.26
N LEU B 9 24.18 13.32 -8.53
CA LEU B 9 23.61 14.45 -9.25
C LEU B 9 22.11 14.55 -9.03
N ALA B 10 21.52 13.50 -8.46
CA ALA B 10 20.08 13.46 -8.21
C ALA B 10 19.67 14.47 -7.13
N LEU B 11 20.52 14.64 -6.13
CA LEU B 11 20.24 15.54 -5.02
C LEU B 11 20.56 16.99 -5.38
N SER B 12 21.20 17.19 -6.53
CA SER B 12 21.60 18.52 -6.97
C SER B 12 20.60 19.12 -7.96
N LEU B 13 19.71 18.27 -8.48
CA LEU B 13 18.71 18.70 -9.45
C LEU B 13 17.68 19.64 -8.84
N THR B 14 17.19 20.58 -9.64
CA THR B 14 16.08 21.42 -9.23
C THR B 14 14.78 20.67 -9.47
N ALA B 15 13.67 21.24 -9.03
CA ALA B 15 12.37 20.61 -9.20
C ALA B 15 12.03 20.45 -10.67
N ASP B 16 12.24 21.52 -11.44
CA ASP B 16 11.94 21.50 -12.87
C ASP B 16 12.90 20.57 -13.62
N GLN B 17 14.14 20.49 -13.16
CA GLN B 17 15.11 19.59 -13.76
C GLN B 17 14.75 18.14 -13.46
N MET B 18 14.24 17.91 -12.24
CA MET B 18 13.77 16.58 -11.85
C MET B 18 12.61 16.14 -12.73
N VAL B 19 11.69 17.06 -13.00
CA VAL B 19 10.55 16.78 -13.86
C VAL B 19 11.00 16.47 -15.29
N SER B 20 11.89 17.30 -15.82
CA SER B 20 12.40 17.11 -17.17
C SER B 20 13.11 15.77 -17.31
N ALA B 21 13.85 15.39 -16.28
CA ALA B 21 14.57 14.11 -16.27
C ALA B 21 13.59 12.94 -16.32
N LEU B 22 12.54 13.02 -15.50
CA LEU B 22 11.54 11.96 -15.43
C LEU B 22 10.73 11.86 -16.71
N LEU B 23 10.38 13.00 -17.28
CA LEU B 23 9.62 13.04 -18.53
C LEU B 23 10.42 12.44 -19.68
N ASP B 24 11.72 12.71 -19.69
CA ASP B 24 12.60 12.18 -20.74
C ASP B 24 12.85 10.70 -20.56
N ALA B 25 12.71 10.22 -19.32
CA ALA B 25 12.96 8.82 -19.00
C ALA B 25 11.76 7.93 -19.33
N GLU B 26 10.64 8.57 -19.65
CA GLU B 26 9.38 7.86 -19.90
C GLU B 26 9.52 6.78 -20.97
N PRO B 27 9.07 5.56 -20.64
CA PRO B 27 9.03 4.45 -21.60
C PRO B 27 7.95 4.70 -22.65
N PRO B 28 8.07 4.05 -23.82
CA PRO B 28 7.04 4.20 -24.85
C PRO B 28 5.80 3.37 -24.57
N ILE B 29 4.71 3.68 -25.24
CA ILE B 29 3.51 2.86 -25.16
C ILE B 29 3.55 1.76 -26.21
N LEU B 30 3.58 0.51 -25.75
CA LEU B 30 3.72 -0.64 -26.66
C LEU B 30 2.38 -1.14 -27.16
N TYR B 31 2.41 -1.85 -28.28
CA TYR B 31 1.22 -2.46 -28.82
C TYR B 31 1.11 -3.92 -28.42
N SER B 32 -0.11 -4.43 -28.37
CA SER B 32 -0.33 -5.85 -28.18
C SER B 32 -0.47 -6.51 -29.55
N GLU B 33 -0.49 -7.84 -29.57
CA GLU B 33 -0.69 -8.57 -30.81
C GLU B 33 -2.17 -8.92 -30.98
N TYR B 34 -3.02 -8.20 -30.25
CA TYR B 34 -4.46 -8.45 -30.29
C TYR B 34 -5.00 -8.31 -31.71
N ASP B 35 -5.86 -9.25 -32.09
CA ASP B 35 -6.50 -9.25 -33.40
C ASP B 35 -7.99 -9.45 -33.23
N PRO B 36 -8.79 -8.45 -33.62
CA PRO B 36 -10.26 -8.52 -33.51
C PRO B 36 -10.86 -9.68 -34.28
N THR B 37 -10.20 -10.09 -35.37
CA THR B 37 -10.67 -11.22 -36.17
C THR B 37 -10.26 -12.55 -35.53
N ARG B 38 -9.32 -12.50 -34.60
CA ARG B 38 -8.85 -13.70 -33.92
C ARG B 38 -9.68 -14.01 -32.68
N PRO B 39 -10.14 -15.27 -32.56
CA PRO B 39 -10.91 -15.74 -31.41
C PRO B 39 -10.16 -15.58 -30.10
N PHE B 40 -10.84 -15.03 -29.09
CA PHE B 40 -10.23 -14.84 -27.79
C PHE B 40 -10.59 -15.95 -26.83
N SER B 41 -9.71 -16.22 -25.88
CA SER B 41 -9.95 -17.22 -24.85
C SER B 41 -9.49 -16.68 -23.49
N GLU B 42 -9.85 -17.37 -22.42
CA GLU B 42 -9.45 -16.97 -21.08
C GLU B 42 -7.93 -17.02 -20.95
N ALA B 43 -7.32 -18.07 -21.50
CA ALA B 43 -5.88 -18.25 -21.44
C ALA B 43 -5.17 -17.36 -22.45
N SER B 44 -5.75 -17.22 -23.64
CA SER B 44 -5.13 -16.44 -24.71
C SER B 44 -5.16 -14.95 -24.41
N MET B 45 -6.19 -14.51 -23.69
CA MET B 45 -6.28 -13.12 -23.28
C MET B 45 -5.21 -12.81 -22.26
N MET B 46 -5.00 -13.74 -21.33
CA MET B 46 -3.92 -13.61 -20.35
C MET B 46 -2.57 -13.68 -21.06
N GLY B 47 -2.51 -14.44 -22.15
CA GLY B 47 -1.32 -14.52 -22.96
C GLY B 47 -0.98 -13.19 -23.59
N LEU B 48 -2.02 -12.47 -24.02
CA LEU B 48 -1.86 -11.13 -24.59
C LEU B 48 -1.24 -10.18 -23.56
N LEU B 49 -1.83 -10.18 -22.36
CA LEU B 49 -1.35 -9.30 -21.30
C LEU B 49 0.04 -9.71 -20.82
N THR B 50 0.29 -11.02 -20.78
CA THR B 50 1.59 -11.54 -20.39
C THR B 50 2.68 -11.10 -21.36
N ASN B 51 2.42 -11.31 -22.65
CA ASN B 51 3.36 -10.91 -23.70
C ASN B 51 3.60 -9.41 -23.70
N LEU B 52 2.54 -8.65 -23.40
CA LEU B 52 2.64 -7.20 -23.35
C LEU B 52 3.50 -6.74 -22.17
N ALA B 53 3.21 -7.30 -20.99
CA ALA B 53 3.92 -6.94 -19.77
C ALA B 53 5.40 -7.33 -19.87
N ASP B 54 5.67 -8.46 -20.50
CA ASP B 54 7.04 -8.94 -20.66
C ASP B 54 7.88 -7.97 -21.49
N ARG B 55 7.29 -7.44 -22.56
CA ARG B 55 7.98 -6.48 -23.41
C ARG B 55 8.10 -5.13 -22.72
N GLU B 56 7.12 -4.80 -21.88
CA GLU B 56 7.14 -3.55 -21.12
C GLU B 56 8.23 -3.55 -20.07
N LEU B 57 8.51 -4.74 -19.52
CA LEU B 57 9.53 -4.88 -18.47
C LEU B 57 10.91 -4.41 -18.92
N VAL B 58 11.28 -4.77 -20.15
CA VAL B 58 12.59 -4.38 -20.68
C VAL B 58 12.72 -2.87 -20.77
N HIS B 59 11.62 -2.21 -21.12
CA HIS B 59 11.60 -0.75 -21.20
C HIS B 59 11.58 -0.13 -19.81
N MET B 60 10.93 -0.81 -18.87
CA MET B 60 10.87 -0.34 -17.49
C MET B 60 12.25 -0.37 -16.85
N ILE B 61 12.99 -1.44 -17.11
CA ILE B 61 14.33 -1.61 -16.57
C ILE B 61 15.25 -0.47 -17.02
N ASN B 62 15.18 -0.13 -18.30
CA ASN B 62 15.96 0.98 -18.83
C ASN B 62 15.41 2.33 -18.39
N TRP B 63 14.10 2.37 -18.11
CA TRP B 63 13.49 3.58 -17.55
C TRP B 63 14.02 3.84 -16.14
N ALA B 64 14.14 2.78 -15.36
CA ALA B 64 14.59 2.87 -13.98
C ALA B 64 16.01 3.42 -13.88
N LYS B 65 16.84 3.06 -14.87
CA LYS B 65 18.22 3.52 -14.90
C LYS B 65 18.32 5.03 -15.12
N ARG B 66 17.27 5.61 -15.67
CA ARG B 66 17.25 7.04 -15.94
C ARG B 66 16.49 7.81 -14.86
N VAL B 67 16.01 7.09 -13.85
CA VAL B 67 15.42 7.72 -12.69
C VAL B 67 16.52 8.21 -11.76
N PRO B 68 16.57 9.52 -11.51
CA PRO B 68 17.62 10.17 -10.70
C PRO B 68 17.82 9.51 -9.34
N GLY B 69 19.03 8.99 -9.11
CA GLY B 69 19.37 8.38 -7.83
C GLY B 69 19.32 6.88 -7.83
N PHE B 70 18.77 6.29 -8.89
CA PHE B 70 18.59 4.84 -8.94
C PHE B 70 19.90 4.09 -9.20
N VAL B 71 20.69 4.59 -10.15
CA VAL B 71 21.94 3.93 -10.52
C VAL B 71 23.03 4.18 -9.48
N ASP B 72 22.78 5.09 -8.54
CA ASP B 72 23.68 5.33 -7.43
C ASP B 72 23.68 4.13 -6.48
N LEU B 73 22.61 3.34 -6.56
CA LEU B 73 22.44 2.18 -5.70
C LEU B 73 23.23 0.98 -6.22
N THR B 74 23.51 0.03 -5.33
CA THR B 74 24.16 -1.20 -5.72
C THR B 74 23.24 -2.02 -6.61
N LEU B 75 23.83 -2.93 -7.40
CA LEU B 75 23.06 -3.75 -8.32
C LEU B 75 22.02 -4.61 -7.60
N HIS B 76 22.40 -5.14 -6.44
CA HIS B 76 21.50 -5.96 -5.63
C HIS B 76 20.29 -5.16 -5.16
N ASP B 77 20.51 -3.91 -4.81
CA ASP B 77 19.42 -3.04 -4.38
C ASP B 77 18.53 -2.64 -5.55
N GLN B 78 19.14 -2.46 -6.72
CA GLN B 78 18.40 -2.12 -7.93
C GLN B 78 17.49 -3.28 -8.34
N VAL B 79 18.01 -4.50 -8.24
CA VAL B 79 17.25 -5.70 -8.54
C VAL B 79 16.08 -5.85 -7.58
N HIS B 80 16.35 -5.63 -6.30
CA HIS B 80 15.35 -5.77 -5.25
C HIS B 80 14.17 -4.82 -5.46
N LEU B 81 14.46 -3.54 -5.71
CA LEU B 81 13.43 -2.54 -5.89
C LEU B 81 12.54 -2.85 -7.10
N LEU B 82 13.17 -3.26 -8.20
CA LEU B 82 12.42 -3.60 -9.42
C LEU B 82 11.60 -4.87 -9.23
N GLU B 83 12.15 -5.84 -8.52
CA GLU B 83 11.43 -7.08 -8.21
C GLU B 83 10.18 -6.79 -7.40
N CYS B 84 10.29 -5.84 -6.47
CA CYS B 84 9.19 -5.51 -5.58
C CYS B 84 8.11 -4.67 -6.25
N ALA B 85 8.50 -3.84 -7.22
CA ALA B 85 7.61 -2.79 -7.72
C ALA B 85 7.16 -2.96 -9.17
N TRP B 86 7.62 -4.00 -9.86
CA TRP B 86 7.39 -4.11 -11.30
C TRP B 86 5.91 -4.14 -11.68
N LEU B 87 5.10 -4.81 -10.88
CA LEU B 87 3.67 -4.89 -11.17
C LEU B 87 2.96 -3.59 -10.80
N GLU B 88 3.43 -2.94 -9.73
CA GLU B 88 2.90 -1.64 -9.33
C GLU B 88 3.12 -0.61 -10.43
N ILE B 89 4.31 -0.61 -11.00
CA ILE B 89 4.68 0.34 -12.04
C ILE B 89 3.90 0.09 -13.32
N LEU B 90 3.72 -1.19 -13.66
CA LEU B 90 2.92 -1.57 -14.81
C LEU B 90 1.47 -1.10 -14.65
N MET B 91 0.94 -1.28 -13.44
CA MET B 91 -0.45 -0.97 -13.16
C MET B 91 -0.74 0.53 -13.16
N ILE B 92 0.17 1.32 -12.59
CA ILE B 92 -0.04 2.77 -12.55
C ILE B 92 0.10 3.33 -13.96
N GLY B 93 0.90 2.68 -14.80
CA GLY B 93 1.01 3.05 -16.19
C GLY B 93 -0.29 2.75 -16.92
N LEU B 94 -0.82 1.56 -16.66
CA LEU B 94 -2.10 1.14 -17.22
C LEU B 94 -3.23 2.08 -16.80
N VAL B 95 -3.28 2.38 -15.50
CA VAL B 95 -4.28 3.29 -14.95
C VAL B 95 -4.17 4.69 -15.56
N TRP B 96 -2.94 5.14 -15.77
CA TRP B 96 -2.68 6.44 -16.39
C TRP B 96 -3.17 6.49 -17.83
N ARG B 97 -2.91 5.43 -18.59
CA ARG B 97 -3.30 5.37 -20.00
C ARG B 97 -4.82 5.25 -20.16
N SER B 98 -5.49 4.81 -19.10
CA SER B 98 -6.92 4.52 -19.18
C SER B 98 -7.79 5.68 -18.69
N MET B 99 -7.15 6.79 -18.32
CA MET B 99 -7.86 7.95 -17.77
C MET B 99 -8.94 8.48 -18.71
N GLU B 100 -8.61 8.59 -19.99
CA GLU B 100 -9.53 9.19 -20.97
C GLU B 100 -10.61 8.21 -21.42
N HIS B 101 -10.60 7.01 -20.85
CA HIS B 101 -11.55 5.98 -21.25
C HIS B 101 -12.29 5.40 -20.05
N PRO B 102 -13.38 6.07 -19.63
CA PRO B 102 -14.19 5.64 -18.50
C PRO B 102 -14.79 4.25 -18.70
N GLY B 103 -14.62 3.38 -17.72
CA GLY B 103 -15.18 2.04 -17.78
C GLY B 103 -14.35 1.08 -18.60
N LYS B 104 -13.19 1.55 -19.08
CA LYS B 104 -12.32 0.71 -19.89
C LYS B 104 -10.85 0.84 -19.46
N LEU B 105 -10.09 -0.22 -19.71
CA LEU B 105 -8.66 -0.22 -19.44
C LEU B 105 -7.87 -0.28 -20.75
N LEU B 106 -7.04 0.72 -20.97
CA LEU B 106 -6.22 0.76 -22.18
C LEU B 106 -4.88 0.08 -21.93
N PHE B 107 -4.86 -1.24 -22.11
CA PHE B 107 -3.62 -2.00 -21.99
C PHE B 107 -2.68 -1.62 -23.13
N ALA B 108 -3.26 -1.41 -24.30
CA ALA B 108 -2.52 -1.01 -25.49
C ALA B 108 -3.44 -0.20 -26.39
N PRO B 109 -2.87 0.63 -27.28
CA PRO B 109 -3.70 1.41 -28.20
C PRO B 109 -4.64 0.55 -29.04
N ASN B 110 -4.28 -0.72 -29.26
CA ASN B 110 -5.12 -1.64 -30.00
C ASN B 110 -5.77 -2.68 -29.08
N LEU B 111 -5.77 -2.41 -27.79
CA LEU B 111 -6.35 -3.33 -26.82
C LEU B 111 -7.11 -2.59 -25.72
N LEU B 112 -8.38 -2.29 -25.97
CA LEU B 112 -9.25 -1.70 -24.97
C LEU B 112 -10.21 -2.75 -24.41
N LEU B 113 -10.12 -2.99 -23.11
CA LEU B 113 -10.97 -3.97 -22.45
C LEU B 113 -11.86 -3.34 -21.39
N ASP B 114 -13.11 -3.79 -21.33
CA ASP B 114 -14.01 -3.36 -20.27
C ASP B 114 -14.17 -4.49 -19.25
N ARG B 115 -15.01 -4.27 -18.26
CA ARG B 115 -15.22 -5.26 -17.20
C ARG B 115 -15.83 -6.56 -17.74
N ASN B 116 -16.52 -6.45 -18.87
CA ASN B 116 -17.15 -7.61 -19.49
C ASN B 116 -16.15 -8.42 -20.33
N GLN B 117 -15.60 -7.78 -21.35
CA GLN B 117 -14.63 -8.45 -22.22
C GLN B 117 -13.25 -8.49 -21.58
N CYS B 120 -13.89 -11.82 -19.53
CA CYS B 120 -13.24 -11.50 -18.27
C CYS B 120 -12.69 -12.81 -17.77
N VAL B 121 -12.48 -12.96 -16.46
CA VAL B 121 -12.08 -14.26 -15.95
C VAL B 121 -11.95 -14.44 -14.45
N GLU B 122 -11.84 -15.69 -14.04
CA GLU B 122 -10.69 -16.15 -13.28
C GLU B 122 -10.72 -15.78 -11.82
N GLY B 123 -11.38 -14.67 -11.51
CA GLY B 123 -10.99 -13.89 -10.36
C GLY B 123 -10.45 -12.52 -10.70
N MET B 124 -10.07 -12.30 -11.96
CA MET B 124 -9.42 -11.07 -12.40
C MET B 124 -10.32 -9.85 -12.43
N VAL B 125 -11.61 -10.09 -12.34
CA VAL B 125 -12.68 -9.14 -12.56
C VAL B 125 -12.73 -8.17 -11.37
N GLU B 126 -12.35 -8.66 -10.20
CA GLU B 126 -12.25 -7.83 -9.01
C GLU B 126 -11.05 -6.89 -9.15
N ILE B 127 -9.97 -7.41 -9.71
CA ILE B 127 -8.77 -6.62 -9.96
C ILE B 127 -9.07 -5.58 -11.03
N PHE B 128 -9.84 -5.98 -12.03
CA PHE B 128 -10.26 -5.08 -13.11
C PHE B 128 -11.04 -3.89 -12.56
N ASP B 129 -11.94 -4.16 -11.63
CA ASP B 129 -12.76 -3.11 -11.03
C ASP B 129 -11.90 -2.14 -10.21
N MET B 130 -10.91 -2.68 -9.52
CA MET B 130 -10.00 -1.86 -8.71
C MET B 130 -9.15 -0.96 -9.58
N LEU B 131 -8.73 -1.47 -10.74
CA LEU B 131 -7.96 -0.68 -11.69
C LEU B 131 -8.82 0.42 -12.28
N LEU B 132 -10.07 0.08 -12.60
CA LEU B 132 -11.02 1.05 -13.14
C LEU B 132 -11.31 2.17 -12.14
N ALA B 133 -11.47 1.80 -10.88
CA ALA B 133 -11.76 2.77 -9.83
C ALA B 133 -10.59 3.73 -9.62
N THR B 134 -9.37 3.19 -9.73
CA THR B 134 -8.17 4.00 -9.59
C THR B 134 -8.05 4.96 -10.78
N SER B 135 -8.40 4.47 -11.96
CA SER B 135 -8.39 5.31 -13.16
C SER B 135 -9.42 6.42 -13.04
N SER B 136 -10.59 6.08 -12.53
CA SER B 136 -11.64 7.05 -12.28
C SER B 136 -11.17 8.10 -11.27
N ARG B 137 -10.33 7.67 -10.34
CA ARG B 137 -9.78 8.56 -9.32
C ARG B 137 -8.81 9.57 -9.96
N PHE B 138 -7.90 9.07 -10.79
CA PHE B 138 -6.97 9.93 -11.50
C PHE B 138 -7.71 10.96 -12.35
N ARG B 139 -8.80 10.52 -12.96
CA ARG B 139 -9.60 11.37 -13.83
C ARG B 139 -10.24 12.53 -13.07
N MET B 140 -10.86 12.23 -11.94
CA MET B 140 -11.55 13.23 -11.14
C MET B 140 -10.56 14.17 -10.46
N MET B 141 -9.35 13.68 -10.21
CA MET B 141 -8.30 14.51 -9.62
C MET B 141 -7.63 15.37 -10.69
N ASN B 142 -7.90 15.05 -11.94
CA ASN B 142 -7.23 15.67 -13.07
C ASN B 142 -5.72 15.53 -12.93
N LEU B 143 -5.26 14.29 -12.82
CA LEU B 143 -3.85 14.00 -12.63
C LEU B 143 -3.02 14.47 -13.82
N GLN B 144 -1.95 15.21 -13.53
CA GLN B 144 -1.07 15.73 -14.57
C GLN B 144 0.08 14.76 -14.85
N GLY B 145 0.64 14.85 -16.04
CA GLY B 145 1.74 13.99 -16.45
C GLY B 145 2.97 14.16 -15.58
N GLU B 146 3.20 15.39 -15.12
CA GLU B 146 4.34 15.68 -14.26
C GLU B 146 4.15 15.04 -12.88
N GLU B 147 2.91 14.98 -12.42
CA GLU B 147 2.58 14.34 -11.16
C GLU B 147 2.71 12.82 -11.28
N PHE B 148 2.30 12.31 -12.43
CA PHE B 148 2.31 10.88 -12.68
C PHE B 148 3.72 10.29 -12.69
N VAL B 149 4.66 10.98 -13.33
CA VAL B 149 6.03 10.50 -13.41
C VAL B 149 6.72 10.58 -12.05
N CYS B 150 6.28 11.53 -11.22
CA CYS B 150 6.79 11.64 -9.86
C CYS B 150 6.28 10.48 -9.02
N LEU B 151 5.00 10.16 -9.16
CA LEU B 151 4.39 9.06 -8.42
C LEU B 151 5.02 7.71 -8.79
N LYS B 152 5.25 7.51 -10.07
CA LYS B 152 5.81 6.25 -10.56
C LYS B 152 7.24 6.06 -10.06
N SER B 153 7.99 7.16 -9.97
CA SER B 153 9.35 7.13 -9.45
C SER B 153 9.36 6.85 -7.95
N ILE B 154 8.38 7.42 -7.25
CA ILE B 154 8.23 7.17 -5.82
C ILE B 154 7.96 5.70 -5.55
N ILE B 155 7.07 5.12 -6.34
CA ILE B 155 6.75 3.69 -6.23
C ILE B 155 7.99 2.83 -6.36
N LEU B 156 8.84 3.16 -7.34
CA LEU B 156 10.06 2.42 -7.59
C LEU B 156 11.00 2.39 -6.38
N LEU B 157 11.14 3.55 -5.73
CA LEU B 157 12.09 3.69 -4.64
C LEU B 157 11.53 3.32 -3.27
N ASN B 158 10.21 3.37 -3.14
CA ASN B 158 9.57 3.19 -1.84
C ASN B 158 9.03 1.77 -1.60
N SER B 159 8.86 1.02 -2.65
CA SER B 159 8.10 -0.17 -2.51
C SER B 159 8.92 -1.30 -1.93
N GLY B 160 10.23 -1.18 -1.97
CA GLY B 160 11.09 -2.24 -1.55
C GLY B 160 11.92 -1.91 -0.34
N VAL B 161 11.80 -0.69 0.16
CA VAL B 161 12.87 -0.10 0.96
C VAL B 161 12.94 -0.61 2.39
N TYR B 162 11.81 -0.98 2.98
CA TYR B 162 11.84 -1.69 4.23
C TYR B 162 11.49 -3.11 3.91
N THR B 168 22.97 -5.39 7.33
CA THR B 168 24.30 -5.03 7.80
C THR B 168 25.17 -4.57 6.65
N LEU B 169 25.82 -3.43 6.76
CA LEU B 169 25.69 -2.53 7.89
C LEU B 169 26.40 -1.22 7.64
N LYS B 170 26.58 -0.89 6.38
CA LYS B 170 25.48 -0.31 5.68
C LYS B 170 25.68 -0.30 4.18
N SER B 171 24.70 0.28 3.47
CA SER B 171 23.43 -0.39 3.13
C SER B 171 22.26 0.29 3.78
N LEU B 172 22.37 0.51 5.08
CA LEU B 172 21.68 1.60 5.75
C LEU B 172 21.86 2.92 5.02
N GLU B 173 23.06 3.11 4.53
CA GLU B 173 23.50 4.22 3.70
C GLU B 173 22.71 4.26 2.39
N GLU B 174 22.39 3.07 1.87
CA GLU B 174 21.55 2.97 0.69
C GLU B 174 20.14 3.44 1.00
N LYS B 175 19.68 3.13 2.22
CA LYS B 175 18.31 3.44 2.64
C LYS B 175 18.06 4.94 2.75
N ASP B 176 18.96 5.66 3.42
CA ASP B 176 18.76 7.09 3.63
C ASP B 176 19.06 7.90 2.36
N HIS B 177 19.75 7.29 1.41
CA HIS B 177 19.95 7.91 0.11
C HIS B 177 18.63 7.90 -0.65
N ILE B 178 17.92 6.78 -0.56
CA ILE B 178 16.59 6.66 -1.15
C ILE B 178 15.64 7.64 -0.46
N HIS B 179 15.80 7.78 0.85
CA HIS B 179 14.97 8.69 1.64
CA HIS B 179 14.98 8.68 1.65
C HIS B 179 15.15 10.14 1.20
N ARG B 180 16.38 10.51 0.87
CA ARG B 180 16.67 11.87 0.43
C ARG B 180 16.12 12.14 -0.96
N VAL B 181 16.20 11.15 -1.83
CA VAL B 181 15.64 11.29 -3.18
C VAL B 181 14.11 11.35 -3.11
N LEU B 182 13.53 10.56 -2.21
CA LEU B 182 12.09 10.58 -1.99
C LEU B 182 11.62 11.93 -1.49
N ASP B 183 12.43 12.57 -0.65
CA ASP B 183 12.13 13.92 -0.17
C ASP B 183 12.20 14.92 -1.31
N LYS B 184 13.12 14.68 -2.26
CA LYS B 184 13.28 15.56 -3.41
C LYS B 184 12.06 15.51 -4.31
N ILE B 185 11.54 14.31 -4.54
CA ILE B 185 10.35 14.13 -5.36
C ILE B 185 9.13 14.73 -4.66
N THR B 186 9.14 14.67 -3.33
CA THR B 186 8.09 15.29 -2.53
C THR B 186 8.05 16.79 -2.75
N ASP B 187 9.22 17.42 -2.68
CA ASP B 187 9.35 18.85 -2.93
C ASP B 187 8.94 19.18 -4.37
N THR B 188 9.30 18.28 -5.28
CA THR B 188 8.96 18.44 -6.69
C THR B 188 7.45 18.46 -6.88
N LEU B 189 6.76 17.55 -6.21
CA LEU B 189 5.29 17.49 -6.27
C LEU B 189 4.67 18.77 -5.73
N ILE B 190 5.13 19.21 -4.57
CA ILE B 190 4.66 20.45 -3.96
C ILE B 190 4.93 21.65 -4.87
N HIS B 191 6.11 21.65 -5.48
CA HIS B 191 6.50 22.72 -6.41
C HIS B 191 5.56 22.78 -7.61
N LEU B 192 5.21 21.62 -8.14
CA LEU B 192 4.29 21.53 -9.28
C LEU B 192 2.91 22.06 -8.92
N MET B 193 2.43 21.70 -7.74
CA MET B 193 1.11 22.13 -7.28
C MET B 193 1.09 23.62 -6.98
N ALA B 194 2.21 24.15 -6.51
CA ALA B 194 2.34 25.58 -6.22
C ALA B 194 2.25 26.39 -7.50
N LYS B 195 2.88 25.88 -8.56
CA LYS B 195 2.85 26.54 -9.86
C LYS B 195 1.45 26.43 -10.49
N ALA B 196 0.70 25.42 -10.08
CA ALA B 196 -0.66 25.21 -10.59
C ALA B 196 -1.63 26.21 -9.96
N GLY B 197 -1.18 26.94 -8.95
CA GLY B 197 -1.98 27.97 -8.33
C GLY B 197 -2.76 27.51 -7.12
N LEU B 198 -2.44 26.31 -6.64
CA LEU B 198 -3.12 25.76 -5.46
C LEU B 198 -2.64 26.45 -4.18
N THR B 199 -3.56 26.64 -3.25
CA THR B 199 -3.21 27.17 -1.94
C THR B 199 -2.43 26.12 -1.15
N LEU B 200 -1.83 26.54 -0.03
CA LEU B 200 -1.07 25.63 0.82
C LEU B 200 -1.93 24.48 1.32
N GLN B 201 -3.18 24.79 1.66
CA GLN B 201 -4.11 23.77 2.12
C GLN B 201 -4.43 22.78 1.00
N GLN B 202 -4.60 23.29 -0.21
CA GLN B 202 -4.90 22.45 -1.37
C GLN B 202 -3.68 21.62 -1.77
N GLN B 203 -2.49 22.15 -1.55
CA GLN B 203 -1.25 21.44 -1.86
C GLN B 203 -1.10 20.21 -0.97
N HIS B 204 -1.24 20.41 0.34
CA HIS B 204 -1.10 19.32 1.30
C HIS B 204 -2.17 18.26 1.07
N GLN B 205 -3.39 18.71 0.77
CA GLN B 205 -4.51 17.80 0.55
C GLN B 205 -4.29 16.96 -0.71
N ARG B 206 -3.83 17.61 -1.79
CA ARG B 206 -3.60 16.90 -3.03
C ARG B 206 -2.42 15.94 -2.91
N LEU B 207 -1.37 16.38 -2.21
CA LEU B 207 -0.22 15.53 -1.94
C LEU B 207 -0.66 14.26 -1.22
N ALA B 208 -1.54 14.44 -0.23
CA ALA B 208 -2.07 13.31 0.52
C ALA B 208 -2.92 12.40 -0.37
N GLN B 209 -3.80 13.02 -1.16
CA GLN B 209 -4.66 12.28 -2.09
C GLN B 209 -3.83 11.42 -3.04
N LEU B 210 -2.74 11.99 -3.54
CA LEU B 210 -1.87 11.29 -4.48
C LEU B 210 -1.15 10.10 -3.85
N LEU B 211 -0.64 10.30 -2.65
CA LEU B 211 0.15 9.26 -1.99
C LEU B 211 -0.71 8.14 -1.44
N LEU B 212 -1.97 8.43 -1.13
CA LEU B 212 -2.89 7.42 -0.65
C LEU B 212 -3.26 6.45 -1.76
N ILE B 213 -3.21 6.92 -3.00
CA ILE B 213 -3.48 6.08 -4.16
C ILE B 213 -2.41 5.00 -4.29
N LEU B 214 -1.20 5.32 -3.86
CA LEU B 214 -0.10 4.37 -3.87
C LEU B 214 -0.38 3.16 -2.98
N SER B 215 -1.17 3.37 -1.94
CA SER B 215 -1.60 2.28 -1.08
C SER B 215 -2.52 1.33 -1.84
N HIS B 216 -3.35 1.88 -2.71
CA HIS B 216 -4.26 1.08 -3.53
C HIS B 216 -3.49 0.35 -4.62
N ILE B 217 -2.50 1.01 -5.20
CA ILE B 217 -1.68 0.40 -6.24
C ILE B 217 -0.90 -0.78 -5.66
N ARG B 218 -0.43 -0.63 -4.43
CA ARG B 218 0.24 -1.73 -3.72
C ARG B 218 -0.71 -2.91 -3.56
N HIS B 219 -1.94 -2.60 -3.17
CA HIS B 219 -2.96 -3.62 -2.94
C HIS B 219 -3.26 -4.39 -4.23
N MET B 220 -3.52 -3.65 -5.31
CA MET B 220 -3.82 -4.26 -6.61
C MET B 220 -2.65 -5.11 -7.10
N SER B 221 -1.43 -4.68 -6.77
CA SER B 221 -0.23 -5.43 -7.13
C SER B 221 -0.17 -6.76 -6.39
N ASN B 222 -0.42 -6.71 -5.09
CA ASN B 222 -0.40 -7.92 -4.26
C ASN B 222 -1.48 -8.92 -4.70
N LYS B 223 -2.70 -8.43 -4.92
CA LYS B 223 -3.78 -9.28 -5.37
C LYS B 223 -3.51 -9.80 -6.77
N GLY B 224 -2.92 -8.94 -7.61
CA GLY B 224 -2.54 -9.32 -8.95
C GLY B 224 -1.46 -10.38 -8.95
N MET B 225 -0.51 -10.25 -8.02
CA MET B 225 0.57 -11.21 -7.88
C MET B 225 0.04 -12.58 -7.50
N GLU B 226 -1.00 -12.59 -6.65
CA GLU B 226 -1.68 -13.83 -6.28
C GLU B 226 -2.35 -14.46 -7.49
N HIS B 227 -2.97 -13.62 -8.30
CA HIS B 227 -3.66 -14.09 -9.50
C HIS B 227 -2.69 -14.65 -10.53
N LEU B 228 -1.52 -14.02 -10.66
CA LEU B 228 -0.49 -14.49 -11.57
C LEU B 228 0.13 -15.79 -11.09
N TYR B 229 0.31 -15.89 -9.77
CA TYR B 229 0.84 -17.11 -9.18
C TYR B 229 -0.18 -18.24 -9.29
N SER B 230 -1.46 -17.87 -9.29
CA SER B 230 -2.55 -18.82 -9.39
C SER B 230 -2.55 -19.52 -10.75
N MET B 231 -2.37 -18.75 -11.81
CA MET B 231 -2.40 -19.29 -13.16
C MET B 231 -1.11 -20.03 -13.50
N LYS B 232 -0.02 -19.64 -12.83
CA LYS B 232 1.27 -20.28 -13.05
C LYS B 232 1.25 -21.73 -12.60
N CYS B 233 0.38 -22.04 -11.64
CA CYS B 233 0.23 -23.40 -11.15
C CYS B 233 -0.82 -24.15 -11.97
N LYS B 234 -1.63 -23.40 -12.71
CA LYS B 234 -2.69 -23.99 -13.52
C LYS B 234 -2.17 -24.46 -14.87
N ASN B 235 -0.89 -24.22 -15.13
CA ASN B 235 -0.23 -24.64 -16.37
C ASN B 235 -0.98 -24.14 -17.60
N VAL B 236 -1.28 -22.85 -17.64
CA VAL B 236 -2.14 -22.31 -18.68
C VAL B 236 -1.43 -21.40 -19.68
N VAL B 237 -0.61 -20.47 -19.18
CA VAL B 237 -0.07 -19.40 -20.01
C VAL B 237 1.45 -19.37 -20.01
N PRO B 238 2.07 -19.25 -21.21
CA PRO B 238 3.51 -19.12 -21.34
C PRO B 238 4.08 -17.87 -20.64
N LEU B 239 4.42 -18.02 -19.36
CA LEU B 239 5.15 -16.96 -18.66
C LEU B 239 6.59 -16.94 -19.13
N SER B 240 7.07 -15.77 -19.54
CA SER B 240 8.44 -15.64 -20.02
C SER B 240 9.45 -15.88 -18.91
N ASP B 241 10.70 -16.09 -19.30
CA ASP B 241 11.76 -16.41 -18.35
C ASP B 241 11.96 -15.29 -17.31
N LEU B 242 11.95 -14.05 -17.79
CA LEU B 242 12.09 -12.90 -16.90
C LEU B 242 10.87 -12.73 -16.01
N LEU B 243 9.69 -12.91 -16.60
CA LEU B 243 8.44 -12.74 -15.88
C LEU B 243 8.29 -13.80 -14.78
N LEU B 244 8.88 -14.98 -15.01
CA LEU B 244 8.91 -16.02 -14.00
C LEU B 244 9.79 -15.60 -12.83
N GLU B 245 10.88 -14.91 -13.13
CA GLU B 245 11.79 -14.42 -12.10
C GLU B 245 11.13 -13.36 -11.22
N MET B 246 10.50 -12.38 -11.86
CA MET B 246 9.88 -11.28 -11.15
C MET B 246 8.75 -11.77 -10.24
N LEU B 247 8.01 -12.76 -10.71
CA LEU B 247 6.91 -13.33 -9.94
C LEU B 247 7.40 -14.17 -8.78
N ASP B 248 8.45 -14.96 -9.02
CA ASP B 248 8.97 -15.88 -8.01
C ASP B 248 9.63 -15.14 -6.85
N ALA B 249 10.00 -13.89 -7.07
CA ALA B 249 10.64 -13.08 -6.04
C ALA B 249 9.65 -12.68 -4.95
N HIS B 250 8.36 -12.70 -5.29
CA HIS B 250 7.32 -12.32 -4.35
C HIS B 250 6.75 -13.50 -3.59
N ARG B 251 7.36 -14.68 -3.76
CA ARG B 251 6.88 -15.89 -3.11
C ARG B 251 7.75 -16.26 -1.91
N LEU B 252 7.16 -16.25 -0.72
CA LEU B 252 5.75 -15.90 -0.53
C LEU B 252 5.56 -15.05 0.72
N HIS C 2 -26.47 -11.75 8.23
CA HIS C 2 -25.66 -12.77 7.60
C HIS C 2 -24.20 -12.68 8.04
N LYS C 3 -23.77 -11.48 8.41
CA LYS C 3 -22.42 -11.29 8.92
C LYS C 3 -22.44 -10.82 10.37
N ILE C 4 -21.48 -11.29 11.15
CA ILE C 4 -21.33 -10.88 12.55
C ILE C 4 -21.03 -9.38 12.64
N LEU C 5 -20.26 -8.89 11.68
CA LEU C 5 -19.86 -7.49 11.64
C LEU C 5 -21.06 -6.56 11.54
N HIS C 6 -22.13 -7.02 10.90
CA HIS C 6 -23.37 -6.27 10.82
C HIS C 6 -23.95 -5.99 12.20
N ARG C 7 -24.00 -7.05 13.02
CA ARG C 7 -24.59 -6.95 14.36
C ARG C 7 -23.77 -6.05 15.28
N LEU C 8 -22.45 -6.22 15.25
CA LEU C 8 -21.56 -5.49 16.14
C LEU C 8 -21.50 -4.00 15.81
N LEU C 9 -21.56 -3.67 14.53
CA LEU C 9 -21.55 -2.28 14.09
C LEU C 9 -22.86 -1.58 14.44
N GLN C 10 -23.89 -2.35 14.68
CA GLN C 10 -25.18 -1.80 15.09
C GLN C 10 -25.12 -1.31 16.54
N ASP C 11 -25.53 -2.18 17.48
CA ASP C 11 -25.57 -1.93 18.93
C ASP C 11 -25.35 -0.47 19.35
N SER C 12 -26.22 0.41 18.84
CA SER C 12 -26.08 1.85 19.03
C SER C 12 -26.13 2.28 20.49
N LYS D 3 20.49 -14.56 -12.72
CA LYS D 3 19.23 -13.81 -12.74
C LYS D 3 19.20 -12.84 -13.93
N ILE D 4 18.09 -12.87 -14.68
CA ILE D 4 17.94 -12.06 -15.87
C ILE D 4 17.92 -10.57 -15.57
N LEU D 5 17.16 -10.20 -14.54
CA LEU D 5 17.04 -8.80 -14.14
C LEU D 5 18.38 -8.20 -13.76
N HIS D 6 19.22 -9.01 -13.11
CA HIS D 6 20.54 -8.58 -12.70
C HIS D 6 21.44 -8.31 -13.90
N ARG D 7 21.26 -9.10 -14.95
CA ARG D 7 22.07 -8.97 -16.16
C ARG D 7 21.64 -7.76 -17.00
N LEU D 8 20.33 -7.57 -17.10
CA LEU D 8 19.79 -6.47 -17.90
C LEU D 8 20.11 -5.12 -17.28
N LEU D 9 20.25 -5.09 -15.96
CA LEU D 9 20.61 -3.86 -15.25
C LEU D 9 22.06 -3.48 -15.51
N GLN D 10 22.89 -4.48 -15.75
CA GLN D 10 24.30 -4.24 -16.08
C GLN D 10 24.43 -3.68 -17.49
N ASP D 11 23.86 -4.39 -18.45
CA ASP D 11 23.90 -3.96 -19.85
C ASP D 11 23.00 -2.75 -20.08
O01 5JX E . -2.34 -6.69 17.35
C02 5JX E . -2.16 -7.69 16.41
C03 5JX E . -1.71 -7.36 15.16
C04 5JX E . -1.55 -8.36 14.23
C05 5JX E . -1.82 -9.69 14.55
C06 5JX E . -1.66 -10.86 13.50
C07 5JX E . -2.79 -11.93 13.52
C08 5JX E . -4.10 -11.57 13.27
C09 5JX E . -5.12 -12.52 13.32
C10 5JX E . -4.81 -13.83 13.65
O11 5JX E . -5.81 -14.80 13.70
C12 5JX E . -3.50 -14.19 13.91
C13 5JX E . -2.51 -13.24 13.85
C14 5JX E . -0.67 -10.89 12.54
C15 5JX E . 0.60 -10.09 12.65
C16 5JX E . 1.86 -10.86 12.39
C17 5JX E . 1.69 -11.73 11.18
C18 5JX E . 2.95 -12.38 10.72
F19 5JX E . 3.33 -13.33 11.54
C20 5JX E . 0.54 -12.69 11.30
C21 5JX E . -0.73 -11.91 11.43
C22 5JX E . -2.26 -9.99 15.80
C23 5JX E . -2.44 -8.99 16.73
O01 5JX F . 0.75 -2.56 -18.79
C02 5JX F . 0.30 -3.65 -18.07
C03 5JX F . -0.08 -3.53 -16.75
C04 5JX F . -0.52 -4.62 -16.04
C05 5JX F . -0.59 -5.86 -16.68
C06 5JX F . -1.06 -7.17 -15.95
C07 5JX F . -0.25 -8.48 -16.20
C08 5JX F . 1.11 -8.58 -15.88
C09 5JX F . 1.81 -9.75 -16.13
C10 5JX F . 1.18 -10.84 -16.68
O11 5JX F . 1.89 -11.99 -16.90
C12 5JX F . -0.16 -10.75 -17.00
C13 5JX F . -0.88 -9.58 -16.77
C14 5JX F . -2.22 -7.23 -15.23
C15 5JX F . -3.19 -6.09 -15.15
C16 5JX F . -4.62 -6.57 -15.03
C17 5JX F . -4.74 -7.66 -13.98
C18 5JX F . -6.17 -8.01 -13.75
F19 5JX F . -6.44 -9.22 -14.22
C20 5JX F . -3.81 -8.81 -14.28
C21 5JX F . -2.42 -8.26 -14.17
C22 5JX F . -0.18 -5.97 -17.97
C23 5JX F . 0.25 -4.87 -18.68
#